data_3QY0
#
_entry.id   3QY0
#
_cell.length_a   81.718
_cell.length_b   37.342
_cell.length_c   69.125
_cell.angle_alpha   90.00
_cell.angle_beta   101.46
_cell.angle_gamma   90.00
#
_symmetry.space_group_name_H-M   'C 1 2 1'
#
loop_
_entity.id
_entity.type
_entity.pdbx_description
1 polymer 'Dethiobiotin synthetase'
2 non-polymer "GUANOSINE-5'-DIPHOSPHATE"
3 non-polymer 'PHOSPHATE ION'
4 non-polymer 'MAGNESIUM ION'
5 non-polymer 1,2-ETHANEDIOL
6 water water
#
_entity_poly.entity_id   1
_entity_poly.type   'polypeptide(L)'
_entity_poly.pdbx_seq_one_letter_code
;MGSSHHHHHHSSGRENLYFQGHMLFISATNTNAGKTTCARLLAQYCNACGVKTILLKPIETGVNDAINHSSDAHLFLQDN
RLLDRSLTLKDISFYRYHKVSAPLIAQQEEDPNAPIDTDNLTQRLHNFTKTYDLVIVEGAGGLCVPITLEENMLDFALKL
KAKMLLISHDNLGLINDCLLNDFLLKSHQLDYKIAINLKGNNTAFHSISLPYIELFNTRSNNPIVIFQQSLKVLMSFALK
GS
;
_entity_poly.pdbx_strand_id   A
#
loop_
_chem_comp.id
_chem_comp.type
_chem_comp.name
_chem_comp.formula
EDO non-polymer 1,2-ETHANEDIOL 'C2 H6 O2'
GDP RNA linking GUANOSINE-5'-DIPHOSPHATE 'C10 H15 N5 O11 P2'
MG non-polymer 'MAGNESIUM ION' 'Mg 2'
PO4 non-polymer 'PHOSPHATE ION' 'O4 P -3'
#
# COMPACT_ATOMS: atom_id res chain seq x y z
N PHE A 19 -7.91 -15.89 14.32
CA PHE A 19 -7.11 -16.07 13.08
C PHE A 19 -5.71 -15.51 13.30
N GLN A 20 -4.80 -15.76 12.33
CA GLN A 20 -3.52 -15.07 12.36
CA GLN A 20 -3.53 -15.06 12.39
C GLN A 20 -3.76 -13.60 11.95
N GLY A 21 -2.69 -12.80 11.93
CA GLY A 21 -2.82 -11.35 11.65
C GLY A 21 -3.48 -11.09 10.27
N HIS A 22 -4.21 -10.00 10.19
CA HIS A 22 -4.76 -9.51 8.92
C HIS A 22 -3.66 -8.88 8.07
N MET A 23 -3.92 -8.77 6.77
CA MET A 23 -2.94 -8.19 5.82
C MET A 23 -3.65 -7.15 4.97
N LEU A 24 -3.04 -5.97 4.89
CA LEU A 24 -3.58 -4.86 4.09
C LEU A 24 -2.53 -4.42 3.10
N PHE A 25 -2.87 -4.53 1.82
CA PHE A 25 -2.00 -4.07 0.74
C PHE A 25 -2.29 -2.60 0.49
N ILE A 26 -1.24 -1.79 0.31
CA ILE A 26 -1.45 -0.37 0.00
C ILE A 26 -0.88 -0.10 -1.40
N SER A 27 -1.81 0.30 -2.30
CA SER A 27 -1.47 0.69 -3.68
C SER A 27 -1.94 2.15 -3.82
N ALA A 28 -1.81 2.68 -5.02
CA ALA A 28 -2.15 4.11 -5.27
C ALA A 28 -2.55 4.35 -6.70
N THR A 29 -3.10 5.55 -6.93
CA THR A 29 -3.41 6.03 -8.26
C THR A 29 -2.11 6.21 -9.06
N ASN A 30 -1.05 6.63 -8.35
CA ASN A 30 0.23 7.09 -8.92
C ASN A 30 1.39 6.91 -7.94
N THR A 31 2.66 6.75 -8.40
CA THR A 31 3.78 6.89 -7.49
C THR A 31 3.79 8.41 -6.99
N ASN A 32 4.28 8.66 -5.82
CA ASN A 32 4.16 9.92 -5.12
C ASN A 32 2.78 10.29 -4.64
N ALA A 33 1.77 9.41 -4.69
CA ALA A 33 0.41 9.75 -4.25
C ALA A 33 0.31 9.89 -2.70
N GLY A 34 1.13 9.12 -2.00
CA GLY A 34 1.11 9.11 -0.53
C GLY A 34 1.09 7.77 0.15
N LYS A 35 1.45 6.69 -0.54
CA LYS A 35 1.34 5.37 0.07
C LYS A 35 2.17 5.27 1.33
N THR A 36 3.40 5.67 1.25
CA THR A 36 4.28 5.52 2.36
C THR A 36 3.84 6.41 3.55
N THR A 37 3.53 7.68 3.28
CA THR A 37 3.09 8.57 4.36
C THR A 37 1.80 8.05 5.03
N CYS A 38 0.85 7.64 4.21
CA CYS A 38 -0.43 7.17 4.74
C CYS A 38 -0.28 5.84 5.47
N ALA A 39 0.57 4.94 4.93
CA ALA A 39 0.84 3.67 5.59
C ALA A 39 1.46 3.93 6.97
N ARG A 40 2.44 4.84 7.04
CA ARG A 40 3.06 5.10 8.31
C ARG A 40 2.07 5.74 9.31
N LEU A 41 1.23 6.63 8.84
CA LEU A 41 0.22 7.25 9.74
C LEU A 41 -0.79 6.16 10.23
N LEU A 42 -1.22 5.26 9.34
CA LEU A 42 -2.17 4.20 9.69
C LEU A 42 -1.55 3.22 10.71
N ALA A 43 -0.31 2.80 10.45
CA ALA A 43 0.36 1.90 11.40
C ALA A 43 0.59 2.57 12.74
N GLN A 44 0.90 3.87 12.74
CA GLN A 44 1.10 4.58 13.99
C GLN A 44 -0.20 4.59 14.80
N TYR A 45 -1.33 4.89 14.11
CA TYR A 45 -2.65 4.89 14.73
C TYR A 45 -3.00 3.50 15.28
N CYS A 46 -2.80 2.47 14.46
CA CYS A 46 -3.11 1.10 14.86
C CYS A 46 -2.29 0.72 16.13
N ASN A 47 -0.99 0.99 16.08
CA ASN A 47 -0.12 0.67 17.18
C ASN A 47 -0.56 1.42 18.45
N ALA A 48 -0.90 2.69 18.32
CA ALA A 48 -1.40 3.47 19.45
C ALA A 48 -2.70 2.94 20.00
N CYS A 49 -3.50 2.24 19.19
CA CYS A 49 -4.71 1.61 19.63
C CYS A 49 -4.48 0.17 20.17
N GLY A 50 -3.23 -0.27 20.29
CA GLY A 50 -2.96 -1.66 20.71
C GLY A 50 -3.04 -2.74 19.65
N VAL A 51 -3.14 -2.35 18.38
CA VAL A 51 -3.18 -3.28 17.26
C VAL A 51 -1.74 -3.34 16.71
N LYS A 52 -1.02 -4.40 16.99
CA LYS A 52 0.40 -4.47 16.71
C LYS A 52 0.60 -4.61 15.18
N THR A 53 1.30 -3.65 14.60
CA THR A 53 1.25 -3.44 13.14
C THR A 53 2.67 -3.24 12.60
N ILE A 54 3.02 -4.03 11.58
CA ILE A 54 4.32 -3.95 10.88
C ILE A 54 4.06 -3.38 9.46
N LEU A 55 5.07 -2.65 9.01
CA LEU A 55 5.12 -2.05 7.68
C LEU A 55 6.18 -2.75 6.82
N LEU A 56 5.74 -3.30 5.67
CA LEU A 56 6.64 -3.99 4.76
C LEU A 56 6.60 -3.35 3.37
N LYS A 57 7.76 -3.39 2.73
CA LYS A 57 7.96 -2.85 1.35
C LYS A 57 8.66 -3.89 0.54
N PRO A 58 7.95 -4.96 0.11
CA PRO A 58 8.68 -6.12 -0.44
C PRO A 58 9.50 -5.86 -1.67
N ILE A 59 9.02 -4.92 -2.50
CA ILE A 59 9.69 -4.56 -3.74
C ILE A 59 9.86 -3.05 -3.81
N GLU A 60 11.07 -2.56 -4.09
CA GLU A 60 11.27 -1.13 -4.17
C GLU A 60 12.25 -0.85 -5.28
N THR A 61 11.89 0.10 -6.13
CA THR A 61 12.79 0.62 -7.17
C THR A 61 13.34 1.99 -6.81
N GLY A 62 14.30 2.43 -7.62
CA GLY A 62 14.84 3.74 -7.45
C GLY A 62 15.64 3.93 -6.20
N VAL A 63 16.29 2.86 -5.72
CA VAL A 63 17.04 2.93 -4.48
C VAL A 63 18.54 2.68 -4.63
N ASN A 64 19.27 3.22 -3.70
CA ASN A 64 20.72 3.00 -3.63
C ASN A 64 21.15 2.96 -2.15
N ASP A 65 21.04 1.77 -1.57
CA ASP A 65 21.19 1.55 -0.17
C ASP A 65 22.62 1.76 0.30
N ALA A 66 23.56 1.76 -0.62
CA ALA A 66 24.94 2.02 -0.24
C ALA A 66 25.10 3.48 0.18
N ILE A 67 24.28 4.35 -0.35
CA ILE A 67 24.43 5.79 -0.24
C ILE A 67 23.31 6.54 0.43
N ASN A 68 22.11 5.94 0.47
CA ASN A 68 20.90 6.63 0.87
C ASN A 68 20.09 5.72 1.80
N HIS A 69 19.69 6.29 2.95
CA HIS A 69 18.95 5.53 3.94
CA HIS A 69 18.95 5.54 3.94
C HIS A 69 17.60 6.20 4.21
N SER A 70 16.96 6.71 3.16
CA SER A 70 15.63 7.33 3.26
C SER A 70 14.56 6.74 2.34
N SER A 71 14.82 5.54 1.82
CA SER A 71 13.84 4.82 1.00
C SER A 71 12.65 4.47 1.87
N ASP A 72 11.60 3.98 1.19
CA ASP A 72 10.39 3.57 1.93
C ASP A 72 10.73 2.51 2.93
N ALA A 73 11.50 1.49 2.53
CA ALA A 73 11.88 0.42 3.45
C ALA A 73 12.70 0.94 4.64
N HIS A 74 13.55 1.96 4.46
CA HIS A 74 14.25 2.57 5.59
C HIS A 74 13.29 3.26 6.59
N LEU A 75 12.34 4.03 6.06
CA LEU A 75 11.41 4.73 6.92
C LEU A 75 10.55 3.71 7.67
N PHE A 76 10.07 2.68 6.97
CA PHE A 76 9.36 1.58 7.61
C PHE A 76 10.19 0.89 8.71
N LEU A 77 11.44 0.63 8.41
CA LEU A 77 12.36 -0.01 9.36
C LEU A 77 12.43 0.82 10.64
N GLN A 78 12.57 2.14 10.53
CA GLN A 78 12.65 3.03 11.70
C GLN A 78 11.40 2.88 12.55
N ASP A 79 10.21 2.96 11.93
CA ASP A 79 8.99 2.77 12.70
C ASP A 79 8.87 1.39 13.30
N ASN A 80 9.21 0.36 12.51
CA ASN A 80 9.06 -1.03 12.91
C ASN A 80 9.95 -1.40 14.09
N ARG A 81 11.10 -0.73 14.21
N ARG A 81 11.10 -0.73 14.20
CA ARG A 81 12.02 -1.09 15.28
CA ARG A 81 12.03 -1.04 15.26
C ARG A 81 11.53 -0.63 16.65
C ARG A 81 11.47 -0.69 16.64
N LEU A 82 10.45 0.17 16.69
CA LEU A 82 9.80 0.44 17.93
C LEU A 82 9.08 -0.81 18.48
N LEU A 83 8.87 -1.84 17.65
CA LEU A 83 8.27 -3.09 18.07
C LEU A 83 9.25 -4.26 18.10
N ASP A 84 10.30 -4.16 17.29
CA ASP A 84 11.34 -5.23 17.23
C ASP A 84 12.67 -4.63 16.86
N ARG A 85 13.55 -4.49 17.85
CA ARG A 85 14.89 -3.85 17.56
C ARG A 85 15.72 -4.62 16.61
N SER A 86 15.47 -5.93 16.54
CA SER A 86 16.26 -6.86 15.73
C SER A 86 16.03 -6.78 14.25
N LEU A 87 14.95 -6.13 13.84
CA LEU A 87 14.67 -6.02 12.39
C LEU A 87 15.80 -5.28 11.67
N THR A 88 16.08 -5.73 10.45
CA THR A 88 17.01 -5.07 9.52
C THR A 88 16.28 -4.90 8.19
N LEU A 89 16.91 -4.17 7.28
CA LEU A 89 16.23 -3.82 6.02
C LEU A 89 15.84 -5.07 5.28
N LYS A 90 16.74 -6.06 5.23
CA LYS A 90 16.49 -7.29 4.49
C LYS A 90 15.35 -8.11 5.05
N ASP A 91 14.89 -7.78 6.27
CA ASP A 91 13.74 -8.47 6.83
C ASP A 91 12.45 -7.98 6.33
N ILE A 92 12.45 -6.79 5.77
CA ILE A 92 11.19 -6.16 5.39
C ILE A 92 11.09 -5.70 3.95
N SER A 93 12.15 -5.92 3.19
CA SER A 93 12.17 -5.54 1.77
C SER A 93 13.13 -6.48 1.05
N PHE A 94 12.65 -7.10 -0.04
CA PHE A 94 13.30 -8.31 -0.58
C PHE A 94 13.87 -8.21 -1.97
N TYR A 95 13.25 -7.38 -2.79
CA TYR A 95 13.71 -7.11 -4.13
C TYR A 95 13.90 -5.62 -4.29
N ARG A 96 15.15 -5.17 -4.43
CA ARG A 96 15.51 -3.75 -4.41
C ARG A 96 16.38 -3.42 -5.64
N TYR A 97 16.01 -2.36 -6.36
CA TYR A 97 16.64 -2.00 -7.61
C TYR A 97 17.02 -0.56 -7.65
N HIS A 98 18.11 -0.25 -8.37
CA HIS A 98 18.49 1.13 -8.61
C HIS A 98 17.57 1.88 -9.61
N LYS A 99 17.15 1.18 -10.66
CA LYS A 99 16.36 1.81 -11.72
C LYS A 99 15.07 2.35 -11.26
N VAL A 100 14.76 3.56 -11.74
CA VAL A 100 13.45 4.18 -11.57
C VAL A 100 12.65 3.66 -12.77
N SER A 101 11.84 2.66 -12.52
CA SER A 101 11.07 1.97 -13.55
C SER A 101 10.11 1.01 -12.85
N ALA A 102 9.26 0.34 -13.62
CA ALA A 102 8.47 -0.78 -13.06
C ALA A 102 9.41 -1.86 -12.57
N PRO A 103 8.98 -2.63 -11.54
CA PRO A 103 9.84 -3.71 -11.06
C PRO A 103 10.25 -4.71 -12.13
N LEU A 104 9.34 -5.09 -13.04
CA LEU A 104 9.71 -6.06 -14.05
C LEU A 104 10.91 -5.59 -14.88
N ILE A 105 10.86 -4.35 -15.30
CA ILE A 105 11.92 -3.79 -16.12
C ILE A 105 13.25 -3.64 -15.31
N ALA A 106 13.17 -3.19 -14.06
CA ALA A 106 14.38 -3.09 -13.25
C ALA A 106 14.96 -4.47 -13.07
N GLN A 107 14.13 -5.46 -12.80
CA GLN A 107 14.60 -6.84 -12.63
C GLN A 107 15.28 -7.39 -13.90
N GLN A 108 14.64 -7.24 -15.05
CA GLN A 108 15.21 -7.71 -16.31
C GLN A 108 16.57 -7.10 -16.58
N GLU A 109 16.72 -5.82 -16.25
CA GLU A 109 17.97 -5.14 -16.50
C GLU A 109 19.05 -5.39 -15.49
N GLU A 110 18.71 -5.39 -14.19
CA GLU A 110 19.73 -5.42 -13.12
C GLU A 110 19.94 -6.82 -12.59
N ASP A 111 18.96 -7.70 -12.77
CA ASP A 111 19.04 -9.06 -12.13
C ASP A 111 18.36 -10.09 -13.04
N PRO A 112 18.84 -10.22 -14.29
CA PRO A 112 18.10 -10.98 -15.29
C PRO A 112 17.83 -12.44 -14.92
N ASN A 113 18.66 -12.97 -14.07
CA ASN A 113 18.54 -14.40 -13.69
C ASN A 113 17.61 -14.63 -12.55
N ALA A 114 17.02 -13.56 -11.97
CA ALA A 114 16.20 -13.71 -10.77
C ALA A 114 14.85 -12.96 -10.91
N PRO A 115 13.95 -13.53 -11.70
CA PRO A 115 12.56 -13.01 -11.76
C PRO A 115 11.99 -12.95 -10.34
N ILE A 116 11.19 -11.95 -10.09
CA ILE A 116 10.64 -11.79 -8.75
C ILE A 116 9.72 -12.93 -8.43
N ASP A 117 9.96 -13.58 -7.27
CA ASP A 117 9.21 -14.79 -6.94
C ASP A 117 8.08 -14.44 -5.97
N THR A 118 6.86 -14.28 -6.50
CA THR A 118 5.74 -13.84 -5.71
C THR A 118 5.23 -14.97 -4.78
N ASP A 119 5.51 -16.22 -5.13
CA ASP A 119 5.19 -17.33 -4.20
C ASP A 119 6.03 -17.21 -2.93
N ASN A 120 7.33 -16.97 -3.10
CA ASN A 120 8.21 -16.78 -1.99
C ASN A 120 7.81 -15.55 -1.18
N LEU A 121 7.51 -14.44 -1.87
CA LEU A 121 7.08 -13.24 -1.16
C LEU A 121 5.79 -13.46 -0.36
N THR A 122 4.85 -14.25 -0.91
CA THR A 122 3.60 -14.55 -0.23
C THR A 122 3.90 -15.28 1.09
N GLN A 123 4.84 -16.25 1.04
CA GLN A 123 5.23 -16.95 2.27
C GLN A 123 5.89 -16.02 3.29
N ARG A 124 6.82 -15.18 2.83
CA ARG A 124 7.53 -14.30 3.75
C ARG A 124 6.57 -13.33 4.42
N LEU A 125 5.65 -12.74 3.65
CA LEU A 125 4.70 -11.79 4.16
C LEU A 125 3.73 -12.47 5.12
N HIS A 126 3.22 -13.62 4.72
CA HIS A 126 2.34 -14.32 5.64
C HIS A 126 2.97 -14.78 6.92
N ASN A 127 4.27 -15.04 6.92
CA ASN A 127 4.91 -15.32 8.19
C ASN A 127 4.78 -14.21 9.23
N PHE A 128 4.67 -12.96 8.82
CA PHE A 128 4.57 -11.83 9.76
C PHE A 128 3.18 -11.79 10.40
N THR A 129 2.20 -12.52 9.84
CA THR A 129 0.91 -12.61 10.46
C THR A 129 0.96 -13.47 11.70
N LYS A 130 2.04 -14.21 11.93
CA LYS A 130 2.24 -14.88 13.25
C LYS A 130 2.46 -13.88 14.37
N THR A 131 3.29 -12.86 14.12
CA THR A 131 3.75 -12.00 15.17
C THR A 131 3.11 -10.64 15.25
N TYR A 132 2.26 -10.31 14.26
CA TYR A 132 1.58 -9.02 14.19
C TYR A 132 0.09 -9.21 14.04
N ASP A 133 -0.67 -8.28 14.64
CA ASP A 133 -2.11 -8.22 14.41
C ASP A 133 -2.46 -7.73 13.01
N LEU A 134 -1.61 -6.87 12.46
CA LEU A 134 -1.84 -6.32 11.13
C LEU A 134 -0.52 -6.19 10.41
N VAL A 135 -0.49 -6.65 9.17
CA VAL A 135 0.71 -6.59 8.32
C VAL A 135 0.31 -5.69 7.15
N ILE A 136 0.94 -4.53 7.10
CA ILE A 136 0.73 -3.58 6.03
C ILE A 136 1.83 -3.72 4.99
N VAL A 137 1.41 -3.95 3.74
CA VAL A 137 2.32 -4.27 2.63
C VAL A 137 2.16 -3.14 1.60
N GLU A 138 3.18 -2.30 1.45
CA GLU A 138 3.15 -1.26 0.42
C GLU A 138 3.66 -1.85 -0.88
N GLY A 139 2.89 -1.66 -1.95
CA GLY A 139 3.30 -2.01 -3.31
C GLY A 139 4.30 -1.01 -3.86
N ALA A 140 4.38 -1.01 -5.20
CA ALA A 140 5.22 -0.03 -5.89
C ALA A 140 4.41 0.43 -7.10
N GLY A 141 4.29 1.73 -7.33
N GLY A 141 4.34 1.74 -7.27
CA GLY A 141 3.72 2.21 -8.60
CA GLY A 141 3.48 2.31 -8.27
C GLY A 141 2.27 2.46 -9.00
C GLY A 141 2.03 1.95 -8.03
N GLY A 142 1.45 1.44 -8.86
N GLY A 142 1.35 1.64 -9.10
CA GLY A 142 0.03 1.43 -9.14
CA GLY A 142 -0.05 1.41 -9.09
C GLY A 142 -0.41 -0.04 -9.33
C GLY A 142 -0.42 -0.05 -9.31
N LEU A 143 -1.70 -0.30 -9.47
CA LEU A 143 -2.24 -1.65 -9.52
C LEU A 143 -1.76 -2.43 -10.71
N CYS A 144 -1.61 -1.72 -11.84
CA CYS A 144 -1.25 -2.40 -13.08
C CYS A 144 0.23 -2.52 -13.33
N VAL A 145 1.03 -2.01 -12.41
CA VAL A 145 2.48 -2.03 -12.57
C VAL A 145 3.00 -3.49 -12.59
N PRO A 146 3.77 -3.86 -13.62
CA PRO A 146 4.22 -5.28 -13.76
C PRO A 146 5.35 -5.64 -12.82
N ILE A 147 5.20 -6.79 -12.18
CA ILE A 147 6.20 -7.41 -11.32
C ILE A 147 6.97 -8.48 -12.10
N THR A 148 6.24 -9.45 -12.67
CA THR A 148 6.78 -10.43 -13.56
C THR A 148 6.04 -10.31 -14.94
N LEU A 149 6.40 -11.21 -15.87
CA LEU A 149 5.74 -11.25 -17.15
C LEU A 149 4.28 -11.59 -16.97
N GLU A 150 3.94 -12.27 -15.87
CA GLU A 150 2.60 -12.71 -15.72
C GLU A 150 1.80 -11.96 -14.66
N GLU A 151 2.47 -11.21 -13.78
CA GLU A 151 1.78 -10.66 -12.62
C GLU A 151 2.05 -9.20 -12.43
N ASN A 152 1.00 -8.45 -12.11
CA ASN A 152 1.10 -7.07 -11.70
C ASN A 152 0.83 -6.95 -10.21
N MET A 153 0.85 -5.71 -9.72
CA MET A 153 0.67 -5.46 -8.30
C MET A 153 -0.69 -5.96 -7.79
N LEU A 154 -1.75 -5.75 -8.56
CA LEU A 154 -3.05 -6.31 -8.18
C LEU A 154 -3.02 -7.82 -8.10
N ASP A 155 -2.36 -8.47 -9.04
CA ASP A 155 -2.25 -9.95 -9.00
C ASP A 155 -1.56 -10.41 -7.72
N PHE A 156 -0.51 -9.67 -7.33
CA PHE A 156 0.22 -9.98 -6.12
C PHE A 156 -0.68 -9.80 -4.91
N ALA A 157 -1.43 -8.72 -4.85
CA ALA A 157 -2.37 -8.55 -3.76
C ALA A 157 -3.41 -9.68 -3.70
N LEU A 158 -3.89 -10.09 -4.87
CA LEU A 158 -4.86 -11.19 -4.96
C LEU A 158 -4.23 -12.51 -4.46
N LYS A 159 -2.99 -12.79 -4.82
CA LYS A 159 -2.27 -13.96 -4.32
C LYS A 159 -2.13 -13.94 -2.79
N LEU A 160 -1.87 -12.76 -2.27
CA LEU A 160 -1.71 -12.54 -0.83
C LEU A 160 -3.02 -12.71 -0.05
N LYS A 161 -4.16 -12.60 -0.74
CA LYS A 161 -5.50 -12.58 -0.10
C LYS A 161 -5.61 -11.43 0.89
N ALA A 162 -4.95 -10.35 0.56
CA ALA A 162 -4.97 -9.15 1.38
C ALA A 162 -6.21 -8.32 1.08
N LYS A 163 -6.62 -7.46 2.01
CA LYS A 163 -7.53 -6.40 1.66
C LYS A 163 -6.69 -5.31 1.04
N MET A 164 -7.36 -4.43 0.30
CA MET A 164 -6.72 -3.39 -0.44
C MET A 164 -7.07 -1.97 -0.02
N LEU A 165 -6.08 -1.13 0.20
CA LEU A 165 -6.23 0.29 0.38
C LEU A 165 -5.50 1.01 -0.73
N LEU A 166 -6.27 1.72 -1.56
CA LEU A 166 -5.75 2.41 -2.70
C LEU A 166 -5.74 3.90 -2.36
N ILE A 167 -4.56 4.50 -2.28
CA ILE A 167 -4.40 5.91 -1.98
C ILE A 167 -4.45 6.76 -3.23
N SER A 168 -5.30 7.77 -3.23
CA SER A 168 -5.43 8.69 -4.37
C SER A 168 -4.73 10.00 -4.06
N HIS A 169 -4.22 10.66 -5.09
CA HIS A 169 -3.79 12.02 -4.99
C HIS A 169 -5.02 12.92 -4.84
N ASP A 170 -4.80 14.19 -4.50
CA ASP A 170 -5.88 15.15 -4.21
C ASP A 170 -5.94 16.30 -5.20
N ASN A 171 -5.25 16.12 -6.34
CA ASN A 171 -5.18 17.11 -7.43
C ASN A 171 -6.31 16.95 -8.48
N LEU A 172 -6.39 17.92 -9.37
CA LEU A 172 -7.30 17.83 -10.50
C LEU A 172 -7.05 16.53 -11.20
N GLY A 173 -8.15 15.86 -11.56
CA GLY A 173 -8.08 14.57 -12.21
C GLY A 173 -8.21 13.41 -11.28
N LEU A 174 -8.30 13.65 -9.98
CA LEU A 174 -8.52 12.52 -9.06
C LEU A 174 -9.77 11.73 -9.30
N ILE A 175 -10.83 12.41 -9.81
CA ILE A 175 -12.06 11.69 -10.07
C ILE A 175 -11.86 10.57 -11.09
N ASN A 176 -11.25 10.94 -12.21
CA ASN A 176 -10.96 9.95 -13.19
C ASN A 176 -10.05 8.84 -12.70
N ASP A 177 -9.01 9.19 -11.96
CA ASP A 177 -8.03 8.20 -11.49
C ASP A 177 -8.74 7.24 -10.48
N CYS A 178 -9.49 7.79 -9.55
CA CYS A 178 -10.18 6.98 -8.60
C CYS A 178 -11.14 6.04 -9.28
N LEU A 179 -11.89 6.53 -10.28
CA LEU A 179 -12.90 5.70 -10.91
C LEU A 179 -12.26 4.63 -11.77
N LEU A 180 -11.15 4.94 -12.44
CA LEU A 180 -10.45 3.85 -13.21
C LEU A 180 -10.00 2.69 -12.29
N ASN A 181 -9.49 3.07 -11.11
CA ASN A 181 -9.12 2.05 -10.14
C ASN A 181 -10.32 1.32 -9.55
N ASP A 182 -11.42 2.06 -9.25
CA ASP A 182 -12.65 1.44 -8.78
C ASP A 182 -13.10 0.39 -9.79
N PHE A 183 -13.06 0.72 -11.08
CA PHE A 183 -13.55 -0.20 -12.07
C PHE A 183 -12.73 -1.51 -12.08
N LEU A 184 -11.42 -1.38 -12.02
CA LEU A 184 -10.49 -2.52 -12.00
C LEU A 184 -10.73 -3.37 -10.69
N LEU A 185 -10.83 -2.69 -9.57
CA LEU A 185 -10.96 -3.39 -8.29
C LEU A 185 -12.27 -4.09 -8.14
N LYS A 186 -13.37 -3.42 -8.52
CA LYS A 186 -14.69 -4.04 -8.41
C LYS A 186 -14.85 -5.21 -9.34
N SER A 187 -14.00 -5.29 -10.37
CA SER A 187 -13.99 -6.41 -11.31
C SER A 187 -13.18 -7.61 -10.82
N HIS A 188 -12.59 -7.54 -9.63
CA HIS A 188 -11.84 -8.65 -9.06
C HIS A 188 -12.31 -8.97 -7.65
N GLN A 189 -11.86 -10.12 -7.13
CA GLN A 189 -12.46 -10.70 -5.91
C GLN A 189 -11.56 -10.33 -4.73
N LEU A 190 -11.67 -9.08 -4.32
CA LEU A 190 -11.06 -8.58 -3.12
C LEU A 190 -11.83 -7.40 -2.48
N ASP A 191 -11.67 -7.27 -1.17
CA ASP A 191 -12.24 -6.18 -0.40
CA ASP A 191 -12.24 -6.15 -0.44
C ASP A 191 -11.30 -4.99 -0.56
N TYR A 192 -11.85 -3.82 -0.89
CA TYR A 192 -11.04 -2.65 -1.07
C TYR A 192 -11.68 -1.38 -0.58
N LYS A 193 -10.82 -0.39 -0.36
CA LYS A 193 -11.22 0.99 -0.11
CA LYS A 193 -11.25 0.97 -0.11
C LYS A 193 -10.28 1.93 -0.82
N ILE A 194 -10.87 2.97 -1.38
CA ILE A 194 -10.15 4.07 -2.00
C ILE A 194 -10.18 5.27 -1.06
N ALA A 195 -8.99 5.80 -0.75
CA ALA A 195 -8.86 6.93 0.20
C ALA A 195 -8.01 8.02 -0.43
N ILE A 196 -8.55 9.24 -0.45
CA ILE A 196 -7.89 10.42 -0.91
C ILE A 196 -6.90 10.93 0.12
N ASN A 197 -5.66 11.14 -0.28
CA ASN A 197 -4.63 11.75 0.57
C ASN A 197 -4.67 13.25 0.39
N LEU A 198 -5.47 13.90 1.23
CA LEU A 198 -5.79 15.34 1.17
C LEU A 198 -4.75 16.17 1.94
N LYS A 199 -4.17 17.13 1.22
CA LYS A 199 -3.35 18.25 1.82
C LYS A 199 -4.19 19.38 2.38
N GLY A 200 -3.77 19.88 3.54
CA GLY A 200 -4.58 20.87 4.24
C GLY A 200 -4.48 22.27 3.68
N ASN A 201 -3.36 22.60 2.96
CA ASN A 201 -3.32 23.79 2.09
C ASN A 201 -4.15 23.63 0.79
N ASN A 202 -4.76 22.48 0.55
CA ASN A 202 -5.52 22.29 -0.66
C ASN A 202 -7.00 22.44 -0.25
N THR A 203 -7.58 23.60 -0.43
CA THR A 203 -9.05 23.78 -0.36
C THR A 203 -9.75 23.77 -1.75
N ALA A 204 -8.97 23.82 -2.83
CA ALA A 204 -9.51 23.63 -4.19
C ALA A 204 -10.18 22.29 -4.29
N PHE A 205 -9.63 21.31 -3.58
CA PHE A 205 -10.26 19.99 -3.52
C PHE A 205 -11.74 20.08 -3.20
N HIS A 206 -12.06 20.86 -2.17
CA HIS A 206 -13.42 20.87 -1.63
C HIS A 206 -14.40 21.52 -2.61
N SER A 207 -13.90 22.45 -3.39
CA SER A 207 -14.66 23.13 -4.41
C SER A 207 -14.83 22.35 -5.70
N ILE A 208 -13.78 21.67 -6.13
CA ILE A 208 -13.71 21.12 -7.47
C ILE A 208 -14.09 19.63 -7.45
N SER A 209 -13.44 18.85 -6.58
CA SER A 209 -13.60 17.40 -6.64
C SER A 209 -14.59 16.84 -5.66
N LEU A 210 -14.58 17.36 -4.43
CA LEU A 210 -15.48 16.85 -3.38
C LEU A 210 -16.96 16.77 -3.76
N PRO A 211 -17.46 17.76 -4.55
CA PRO A 211 -18.87 17.62 -4.87
C PRO A 211 -19.22 16.32 -5.59
N TYR A 212 -18.33 15.87 -6.45
CA TYR A 212 -18.59 14.62 -7.12
C TYR A 212 -18.36 13.41 -6.20
N ILE A 213 -17.34 13.46 -5.35
CA ILE A 213 -17.11 12.37 -4.37
C ILE A 213 -18.38 12.19 -3.53
N GLU A 214 -19.01 13.29 -3.11
CA GLU A 214 -20.23 13.19 -2.36
C GLU A 214 -21.34 12.52 -3.13
N LEU A 215 -21.52 12.92 -4.41
CA LEU A 215 -22.56 12.32 -5.25
C LEU A 215 -22.28 10.85 -5.48
N PHE A 216 -21.02 10.53 -5.78
CA PHE A 216 -20.65 9.16 -6.00
C PHE A 216 -20.97 8.31 -4.80
N ASN A 217 -20.71 8.85 -3.63
CA ASN A 217 -20.89 8.07 -2.38
C ASN A 217 -22.39 7.81 -2.08
N THR A 218 -23.30 8.66 -2.61
CA THR A 218 -24.75 8.40 -2.46
C THR A 218 -25.18 7.27 -3.35
N ARG A 219 -24.42 7.04 -4.42
CA ARG A 219 -24.76 6.14 -5.48
C ARG A 219 -23.93 4.89 -5.53
N SER A 220 -22.98 4.69 -4.59
CA SER A 220 -22.03 3.55 -4.59
C SER A 220 -22.12 2.84 -3.24
N ASN A 221 -22.01 1.54 -3.24
CA ASN A 221 -22.01 0.79 -2.00
C ASN A 221 -20.63 0.81 -1.38
N ASN A 222 -19.63 1.26 -2.10
CA ASN A 222 -18.28 1.34 -1.58
C ASN A 222 -17.72 2.76 -1.77
N PRO A 223 -17.81 3.56 -0.71
CA PRO A 223 -17.60 4.98 -0.95
C PRO A 223 -16.11 5.30 -1.00
N ILE A 224 -15.77 6.41 -1.69
CA ILE A 224 -14.42 6.98 -1.68
C ILE A 224 -14.30 7.87 -0.48
N VAL A 225 -13.34 7.59 0.41
CA VAL A 225 -13.16 8.37 1.63
C VAL A 225 -11.93 9.28 1.54
N ILE A 226 -11.82 10.20 2.51
CA ILE A 226 -10.63 11.04 2.68
C ILE A 226 -9.77 10.36 3.75
N PHE A 227 -8.55 10.03 3.42
CA PHE A 227 -7.70 9.27 4.33
C PHE A 227 -7.66 9.91 5.74
N GLN A 228 -7.42 11.23 5.76
CA GLN A 228 -7.19 11.96 6.99
C GLN A 228 -8.42 11.96 7.91
N GLN A 229 -9.60 11.70 7.34
CA GLN A 229 -10.84 11.59 8.15
C GLN A 229 -11.10 10.14 8.59
N SER A 230 -10.29 9.20 8.09
CA SER A 230 -10.69 7.81 8.06
C SER A 230 -9.79 6.83 8.77
N LEU A 231 -9.00 7.26 9.71
CA LEU A 231 -8.08 6.32 10.37
CA LEU A 231 -8.08 6.33 10.38
C LEU A 231 -8.80 5.22 11.12
N LYS A 232 -9.86 5.58 11.86
CA LYS A 232 -10.64 4.59 12.59
C LYS A 232 -11.36 3.62 11.68
N VAL A 233 -12.02 4.14 10.62
CA VAL A 233 -12.71 3.27 9.72
C VAL A 233 -11.73 2.38 8.93
N LEU A 234 -10.53 2.90 8.60
CA LEU A 234 -9.59 2.08 7.88
C LEU A 234 -8.96 1.01 8.74
N MET A 235 -8.76 1.29 10.03
CA MET A 235 -8.29 0.23 10.94
C MET A 235 -9.37 -0.82 11.07
N SER A 236 -10.61 -0.39 11.23
CA SER A 236 -11.70 -1.33 11.25
CA SER A 236 -11.68 -1.36 11.24
C SER A 236 -11.80 -2.22 9.99
N PHE A 237 -11.63 -1.56 8.87
CA PHE A 237 -11.66 -2.25 7.56
C PHE A 237 -10.59 -3.31 7.51
N ALA A 238 -9.40 -2.92 7.89
CA ALA A 238 -8.26 -3.82 7.82
C ALA A 238 -8.42 -5.05 8.68
N LEU A 239 -9.05 -4.88 9.84
CA LEU A 239 -9.16 -5.97 10.78
C LEU A 239 -10.42 -6.78 10.68
N LYS A 240 -11.39 -6.35 9.87
CA LYS A 240 -12.67 -7.05 9.95
C LYS A 240 -12.66 -8.42 9.38
N GLY A 241 -13.43 -9.28 10.03
CA GLY A 241 -13.79 -10.61 9.46
C GLY A 241 -12.61 -11.57 9.52
N SER A 242 -12.66 -12.61 8.68
CA SER A 242 -11.51 -13.52 8.50
C SER A 242 -10.42 -12.85 7.61
PB GDP B . 4.26 7.14 -2.38
O1B GDP B . 5.39 7.23 -3.42
O2B GDP B . 2.95 6.90 -3.00
O3B GDP B . 4.69 6.05 -1.37
O3A GDP B . 4.20 8.52 -1.69
PA GDP B . 4.93 9.10 -0.46
O1A GDP B . 6.39 8.62 -0.39
O2A GDP B . 4.22 8.99 0.90
O5' GDP B . 4.86 10.71 -0.83
C5' GDP B . 5.60 11.34 -1.89
C4' GDP B . 6.00 12.77 -1.44
O4' GDP B . 4.77 13.49 -1.08
C3' GDP B . 6.88 12.71 -0.19
O3' GDP B . 8.00 13.65 -0.16
C2' GDP B . 5.87 12.99 0.95
O2' GDP B . 6.46 13.65 2.09
C1' GDP B . 4.67 13.72 0.34
P PO4 C . 6.74 3.98 -4.56
O1 PO4 C . 6.26 4.45 -3.19
O2 PO4 C . 5.68 3.92 -5.63
O3 PO4 C . 7.70 5.06 -4.88
O4 PO4 C . 7.71 2.79 -4.57
MG MG D . 7.28 6.82 -3.88
MG MG E . 6.20 4.78 -1.18
C1 EDO F . -5.17 -6.60 -13.42
O1 EDO F . -4.68 -7.68 -12.62
C2 EDO F . -5.62 -7.02 -14.81
O2 EDO F . -4.46 -7.33 -15.60
C1 EDO G . 17.69 -7.07 -6.92
O1 EDO G . 18.87 -6.30 -6.63
C2 EDO G . 17.24 -7.92 -5.77
O2 EDO G . 17.23 -7.24 -4.52
C1 EDO H . -15.80 24.30 -0.50
O1 EDO H . -16.77 24.38 0.53
C2 EDO H . -15.50 25.68 -1.07
O2 EDO H . -14.56 26.40 -0.23
C1 EDO I . 7.89 1.69 -9.56
O1 EDO I . 8.49 0.48 -9.19
C2 EDO I . 6.69 1.33 -10.44
O2 EDO I . 6.65 2.18 -11.59
C1 EDO J . -10.39 -9.74 0.80
O1 EDO J . -9.62 -8.83 0.08
C2 EDO J . -9.63 -11.04 0.92
O2 EDO J . -10.10 -11.93 -0.13
C1 EDO K . -16.35 11.92 1.84
O1 EDO K . -15.75 12.67 2.92
C2 EDO K . -17.75 12.52 1.59
O2 EDO K . -18.83 11.57 1.27
C1 EDO L . 19.48 -1.64 -4.76
O1 EDO L . 20.50 -2.59 -5.16
C2 EDO L . 19.79 -1.33 -3.31
O2 EDO L . 20.93 -0.46 -3.29
C1 EDO M . 1.37 6.67 -11.79
O1 EDO M . 2.15 5.62 -11.32
C2 EDO M . 0.40 6.10 -12.82
O2 EDO M . -0.86 5.79 -12.33
C1 EDO N . 0.45 -3.25 20.75
O1 EDO N . 1.77 -3.87 20.71
C2 EDO N . 0.50 -2.04 19.84
O2 EDO N . 1.85 -1.77 19.51
C1 EDO O . 5.09 8.75 11.90
O1 EDO O . 5.02 7.36 12.24
C2 EDO O . 4.14 9.10 10.74
O2 EDO O . 4.73 9.98 9.75
C1 EDO P . 14.42 -15.63 -8.30
O1 EDO P . 13.56 -15.94 -9.36
C2 EDO P . 13.83 -14.55 -7.39
O2 EDO P . 14.44 -14.61 -6.08
C1 EDO Q . -8.30 -10.42 4.81
O1 EDO Q . -9.10 -9.94 5.91
C2 EDO Q . -6.92 -9.80 4.98
O2 EDO Q . -6.27 -10.28 6.18
C1 EDO R . -18.71 7.81 -13.43
O1 EDO R . -17.66 7.35 -14.28
C2 EDO R . -19.92 6.95 -13.66
O2 EDO R . -20.59 7.33 -14.87
C1 EDO S . -11.46 -10.39 13.27
O1 EDO S . -10.56 -11.48 13.00
C2 EDO S . -10.89 -9.54 14.40
O2 EDO S . -9.76 -8.76 13.96
C1 EDO T . -4.50 -4.90 -17.52
O1 EDO T . -4.60 -6.32 -17.75
C2 EDO T . -4.52 -4.19 -18.86
O2 EDO T . -5.70 -4.49 -19.59
C1 EDO U . 23.08 -12.32 -12.71
O1 EDO U . 22.84 -13.34 -11.73
C2 EDO U . 21.98 -11.32 -12.46
O2 EDO U . 20.71 -11.95 -12.53
#